data_7I2W
#
_entry.id   7I2W
#
_cell.length_a   82.298
_cell.length_b   116.048
_cell.length_c   147.893
_cell.angle_alpha   90.00
_cell.angle_beta   90.00
_cell.angle_gamma   90.00
#
_symmetry.space_group_name_H-M   'I 2 2 2'
#
loop_
_entity.id
_entity.type
_entity.pdbx_description
1 polymer 'NS5 RNA-dependent RNA polymerase'
2 non-polymer 'ZINC ION'
3 non-polymer '2-(N-MORPHOLINO)-ETHANESULFONIC ACID'
4 non-polymer 'DIMETHYL SULFOXIDE'
5 non-polymer 'PHOSPHATE ION'
6 non-polymer DI(HYDROXYETHYL)ETHER
7 non-polymer 'CHLORIDE ION'
8 non-polymer [(2R,3R)-1-(methanesulfonyl)-2-methylpiperidin-3-yl](pyrrolidin-1-yl)methanone
9 water water
#
_entity_poly.entity_id   1
_entity_poly.type   'polypeptide(L)'
_entity_poly.pdbx_seq_one_letter_code
;GPGIESETPNLDIIGKRIEKIKQEHETSWHYDQDHPYKTWAYHGSYETKQTGSASSMVNGVVRLLTKPWDIIPMVTQMAM
TDTTPFGQQRVFKEKVDTRTQEPKEGTKKLMKITAEWLWKELGKKKTPRMCTREEFTRKVRSNAALGAIFTDENKWKSAR
EAVEDSGFWELVDKERNLHLEGKCETCVYNMMGKREKKLGEFGKAKGSRAIWYMWLGARFLEFEALGFLNEDHWFSRENS
LSGVEGEGLHKLGYILRDVSKKEGGAMYADDTAGWDTRITLEDLKNEEMVTNHMEGEHKKLAEAIFKLTYQNKVVRVQRP
TPRGTVMDIISRRDQRGSGQVVTYGLNTFTNMEAQLIRQMEGEGVFKSIQHLTVTEEIAVKNWLVRVGRERLSRMAISGD
DCVVKPLDDRFASALTALNDMGKVRKDIQQWEPSRGWNDWTQVPFCSHHFHELIMKDGRVLVVPCRNQDELIGRARISQG
AGWSLRETACLGKSYAQMWSLMYFHRRDLRLAANAICSAVPSHWVPTSRTTWSIHATHEWMTTEDMLTVWNRVWIQENPW
MEDKTPVESWEEIPYLGKREDQWCGSLIGLTSRATWAKNIQTAINQVRSLIGNEEYTDYMPSMKRFRREEEEAGVLW
;
_entity_poly.pdbx_strand_id   A
#
# COMPACT_ATOMS: atom_id res chain seq x y z
N ASN A 10 20.05 20.68 -13.61
CA ASN A 10 20.34 19.48 -14.44
C ASN A 10 21.64 18.84 -13.95
N LEU A 11 22.66 18.76 -14.80
CA LEU A 11 23.95 18.08 -14.52
C LEU A 11 24.65 18.75 -13.35
N ASP A 12 24.32 20.03 -13.09
CA ASP A 12 24.82 20.79 -11.92
C ASP A 12 24.31 20.11 -10.64
N ILE A 13 23.13 19.49 -10.70
CA ILE A 13 22.42 18.89 -9.53
C ILE A 13 22.72 17.39 -9.44
N ILE A 14 22.86 16.71 -10.60
CA ILE A 14 23.05 15.23 -10.68
C ILE A 14 24.52 14.92 -10.99
N GLY A 15 25.26 15.87 -11.55
CA GLY A 15 26.67 15.70 -11.98
C GLY A 15 27.50 15.01 -10.92
N LYS A 16 27.61 15.61 -9.73
CA LYS A 16 28.45 15.15 -8.60
C LYS A 16 28.18 13.65 -8.34
N ARG A 17 26.91 13.26 -8.24
CA ARG A 17 26.48 11.86 -8.03
C ARG A 17 27.01 11.01 -9.18
N ILE A 18 26.88 11.51 -10.41
CA ILE A 18 27.31 10.84 -11.67
C ILE A 18 28.84 10.66 -11.62
N GLU A 19 29.57 11.75 -11.35
CA GLU A 19 31.05 11.77 -11.28
C GLU A 19 31.55 10.73 -10.28
N LYS A 20 31.04 10.75 -9.05
CA LYS A 20 31.50 9.88 -7.93
C LYS A 20 31.43 8.40 -8.36
N ILE A 21 30.33 8.00 -9.02
CA ILE A 21 30.11 6.61 -9.49
C ILE A 21 31.12 6.29 -10.60
N LYS A 22 31.26 7.21 -11.57
CA LYS A 22 32.24 7.02 -12.67
C LYS A 22 33.61 6.74 -12.09
N GLN A 23 34.01 7.53 -11.08
CA GLN A 23 35.35 7.38 -10.46
C GLN A 23 35.51 5.97 -9.88
N GLU A 24 34.49 5.49 -9.16
CA GLU A 24 34.58 4.15 -8.52
C GLU A 24 34.51 3.09 -9.62
N HIS A 25 34.28 3.52 -10.86
CA HIS A 25 34.19 2.58 -12.01
C HIS A 25 35.00 3.16 -13.18
N GLU A 26 36.07 3.89 -12.89
CA GLU A 26 36.90 4.52 -13.95
C GLU A 26 37.25 3.43 -14.98
N THR A 27 37.51 2.21 -14.52
CA THR A 27 37.72 1.09 -15.48
C THR A 27 36.34 0.49 -15.76
N SER A 28 35.93 0.42 -17.03
CA SER A 28 34.61 -0.15 -17.44
C SER A 28 33.62 0.97 -17.77
N TRP A 29 34.03 2.23 -17.70
CA TRP A 29 33.04 3.32 -17.93
C TRP A 29 32.73 3.39 -19.43
N HIS A 30 31.90 2.48 -19.93
CA HIS A 30 31.63 2.42 -21.39
C HIS A 30 30.34 3.17 -21.74
N TYR A 31 30.45 4.24 -22.52
CA TYR A 31 29.25 5.00 -22.97
C TYR A 31 28.60 4.24 -24.13
N ASP A 32 27.98 3.09 -23.83
CA ASP A 32 27.35 2.26 -24.89
C ASP A 32 26.54 3.16 -25.83
N GLN A 33 26.69 2.97 -27.14
CA GLN A 33 25.90 3.75 -28.12
C GLN A 33 24.66 2.92 -28.49
N ASP A 34 24.46 1.79 -27.82
CA ASP A 34 23.30 0.91 -28.11
C ASP A 34 22.38 0.87 -26.90
N HIS A 35 22.32 1.96 -26.13
CA HIS A 35 21.48 2.01 -24.90
C HIS A 35 19.99 2.00 -25.28
N PRO A 36 19.13 1.27 -24.55
CA PRO A 36 17.72 1.15 -24.88
C PRO A 36 16.84 2.28 -24.34
N TYR A 37 17.44 3.35 -23.83
CA TYR A 37 16.68 4.44 -23.17
C TYR A 37 16.34 5.52 -24.21
N LYS A 38 15.07 5.95 -24.23
CA LYS A 38 14.59 7.11 -25.03
C LYS A 38 14.19 8.25 -24.07
N THR A 39 13.26 7.97 -23.15
CA THR A 39 12.67 8.99 -22.25
C THR A 39 13.55 9.25 -21.00
N TRP A 40 14.42 8.30 -20.64
CA TRP A 40 15.48 8.50 -19.61
C TRP A 40 16.71 9.12 -20.27
N ALA A 41 17.43 9.97 -19.53
CA ALA A 41 18.73 10.47 -20.01
C ALA A 41 19.78 9.44 -19.57
N TYR A 42 20.60 8.97 -20.50
CA TYR A 42 21.63 7.95 -20.21
C TYR A 42 22.97 8.66 -20.02
N HIS A 43 23.82 8.12 -19.16
CA HIS A 43 25.09 8.82 -18.87
C HIS A 43 26.27 7.87 -19.10
N GLY A 44 26.15 6.60 -18.74
CA GLY A 44 27.29 5.69 -18.87
C GLY A 44 27.00 4.30 -18.35
N SER A 45 28.03 3.43 -18.36
CA SER A 45 27.85 2.03 -17.91
C SER A 45 29.10 1.54 -17.18
N TYR A 46 29.03 0.36 -16.57
CA TYR A 46 30.16 -0.26 -15.82
C TYR A 46 29.81 -1.74 -15.52
N GLU A 47 30.83 -2.58 -15.35
CA GLU A 47 30.71 -4.06 -15.29
C GLU A 47 30.23 -4.49 -13.89
N THR A 48 29.28 -5.44 -13.84
CA THR A 48 28.71 -6.02 -12.60
C THR A 48 28.38 -7.50 -12.84
N LYS A 49 27.68 -8.14 -11.89
CA LYS A 49 27.19 -9.54 -12.00
C LYS A 49 25.79 -9.63 -11.36
N ALA A 54 15.78 -13.24 -5.99
CA ALA A 54 14.78 -13.22 -4.90
C ALA A 54 13.43 -13.73 -5.41
N SER A 55 13.35 -15.02 -5.76
CA SER A 55 12.16 -15.69 -6.33
C SER A 55 11.25 -16.20 -5.20
N SER A 56 9.99 -16.52 -5.53
CA SER A 56 8.97 -17.04 -4.60
C SER A 56 9.35 -18.45 -4.15
N MET A 57 9.07 -18.78 -2.88
CA MET A 57 9.34 -20.09 -2.24
C MET A 57 8.05 -20.57 -1.57
N VAL A 58 7.76 -21.87 -1.58
CA VAL A 58 6.49 -22.38 -1.00
C VAL A 58 6.64 -22.62 0.51
N ASN A 59 5.65 -22.15 1.28
CA ASN A 59 5.44 -22.45 2.71
C ASN A 59 4.84 -23.84 2.86
N GLY A 60 5.64 -24.82 3.29
CA GLY A 60 5.24 -26.23 3.40
C GLY A 60 4.18 -26.45 4.49
N VAL A 61 4.21 -25.64 5.53
CA VAL A 61 3.21 -25.80 6.61
C VAL A 61 1.83 -25.48 6.04
N VAL A 62 1.67 -24.34 5.38
CA VAL A 62 0.37 -23.93 4.79
C VAL A 62 -0.03 -24.94 3.70
N ARG A 63 0.90 -25.34 2.83
CA ARG A 63 0.54 -26.19 1.68
C ARG A 63 0.09 -27.57 2.21
N LEU A 64 0.78 -28.16 3.18
CA LEU A 64 0.37 -29.51 3.69
C LEU A 64 -1.03 -29.42 4.30
N LEU A 65 -1.44 -28.25 4.77
CA LEU A 65 -2.78 -28.12 5.44
C LEU A 65 -3.86 -27.56 4.50
N THR A 66 -3.55 -27.38 3.23
CA THR A 66 -4.50 -26.93 2.18
C THR A 66 -4.40 -27.86 0.95
N LYS A 67 -4.44 -29.16 1.17
CA LYS A 67 -4.23 -30.17 0.10
C LYS A 67 -5.22 -30.04 -1.07
N PRO A 68 -6.53 -29.78 -0.89
CA PRO A 68 -7.43 -29.68 -2.02
C PRO A 68 -6.99 -28.66 -3.08
N TRP A 69 -6.24 -27.64 -2.65
CA TRP A 69 -5.82 -26.51 -3.52
C TRP A 69 -4.57 -26.92 -4.32
N ASP A 70 -4.00 -28.09 -4.06
CA ASP A 70 -2.81 -28.56 -4.83
C ASP A 70 -3.20 -28.78 -6.31
N ILE A 71 -4.48 -28.89 -6.64
CA ILE A 71 -4.93 -29.18 -8.03
C ILE A 71 -5.66 -27.98 -8.63
N ILE A 72 -5.66 -26.81 -7.97
CA ILE A 72 -6.32 -25.57 -8.46
C ILE A 72 -5.25 -24.67 -9.07
N PRO A 73 -5.17 -24.59 -10.42
CA PRO A 73 -4.16 -23.77 -11.10
C PRO A 73 -4.11 -22.31 -10.65
N MET A 74 -5.24 -21.70 -10.32
CA MET A 74 -5.21 -20.28 -9.86
C MET A 74 -4.34 -20.18 -8.60
N VAL A 75 -4.33 -21.20 -7.75
CA VAL A 75 -3.47 -21.24 -6.52
C VAL A 75 -2.03 -21.61 -6.89
N THR A 76 -1.82 -22.72 -7.57
CA THR A 76 -0.49 -23.32 -7.77
C THR A 76 0.35 -22.46 -8.71
N GLN A 77 -0.27 -21.79 -9.68
CA GLN A 77 0.49 -20.92 -10.63
C GLN A 77 1.01 -19.69 -9.92
N MET A 78 0.36 -19.22 -8.86
CA MET A 78 0.82 -18.02 -8.12
C MET A 78 2.25 -18.23 -7.59
N ALA A 79 2.70 -19.46 -7.28
CA ALA A 79 4.04 -19.68 -6.67
C ALA A 79 5.14 -19.83 -7.75
N MET A 80 4.82 -19.87 -9.04
CA MET A 80 5.84 -20.13 -10.10
C MET A 80 6.56 -18.82 -10.47
N THR A 81 7.81 -18.92 -10.95
CA THR A 81 8.47 -17.93 -11.85
C THR A 81 9.15 -16.79 -11.11
N LYS A 93 10.17 -1.78 -17.21
CA LYS A 93 9.39 -2.36 -18.33
C LYS A 93 9.15 -1.28 -19.39
N GLU A 94 8.05 -1.38 -20.14
CA GLU A 94 7.66 -0.45 -21.23
C GLU A 94 6.76 0.66 -20.68
N LYS A 95 6.60 0.72 -19.36
CA LYS A 95 5.78 1.75 -18.65
C LYS A 95 6.71 2.82 -18.07
N VAL A 96 7.85 2.39 -17.51
CA VAL A 96 8.87 3.28 -16.85
C VAL A 96 9.51 4.16 -17.92
N ASP A 97 9.68 3.64 -19.15
CA ASP A 97 10.30 4.35 -20.29
C ASP A 97 9.20 5.00 -21.14
N THR A 98 8.21 5.62 -20.50
CA THR A 98 7.14 6.43 -21.13
C THR A 98 7.37 7.90 -20.78
N ARG A 99 6.73 8.83 -21.51
CA ARG A 99 6.87 10.29 -21.25
C ARG A 99 5.50 10.98 -21.23
N THR A 100 5.08 11.47 -20.06
CA THR A 100 3.80 12.21 -19.85
C THR A 100 3.98 13.65 -20.32
N GLN A 101 3.04 14.17 -21.12
CA GLN A 101 3.07 15.54 -21.68
C GLN A 101 2.83 16.56 -20.56
N GLU A 102 3.00 17.84 -20.86
CA GLU A 102 2.81 18.98 -19.91
C GLU A 102 1.34 19.40 -19.91
N PRO A 103 0.69 19.42 -18.72
CA PRO A 103 -0.72 19.83 -18.63
C PRO A 103 -0.91 21.26 -19.15
N LYS A 104 -2.10 21.55 -19.70
CA LYS A 104 -2.52 22.90 -20.16
C LYS A 104 -2.54 23.86 -18.97
N GLU A 105 -2.57 25.17 -19.24
CA GLU A 105 -2.43 26.24 -18.23
C GLU A 105 -3.62 26.19 -17.26
N GLY A 106 -4.83 26.00 -17.77
CA GLY A 106 -6.06 25.88 -16.95
C GLY A 106 -5.95 24.71 -15.97
N THR A 107 -5.44 23.57 -16.42
CA THR A 107 -5.18 22.37 -15.58
C THR A 107 -4.14 22.70 -14.50
N LYS A 108 -2.96 23.20 -14.89
CA LYS A 108 -1.89 23.69 -13.97
C LYS A 108 -2.44 24.64 -12.88
N LYS A 109 -3.32 25.58 -13.23
CA LYS A 109 -3.95 26.52 -12.29
C LYS A 109 -4.89 25.79 -11.31
N LEU A 110 -5.75 24.87 -11.80
CA LEU A 110 -6.68 24.06 -10.97
C LEU A 110 -5.87 23.28 -9.92
N MET A 111 -4.78 22.65 -10.37
CA MET A 111 -3.90 21.81 -9.51
C MET A 111 -3.23 22.67 -8.43
N LYS A 112 -2.63 23.81 -8.77
CA LYS A 112 -1.89 24.69 -7.83
C LYS A 112 -2.87 25.22 -6.78
N ILE A 113 -4.05 25.70 -7.20
CA ILE A 113 -5.09 26.24 -6.28
C ILE A 113 -5.54 25.12 -5.32
N THR A 114 -5.81 23.92 -5.87
CA THR A 114 -6.35 22.77 -5.07
C THR A 114 -5.29 22.32 -4.08
N ALA A 115 -4.04 22.19 -4.55
CA ALA A 115 -2.89 21.71 -3.74
C ALA A 115 -2.64 22.68 -2.58
N GLU A 116 -2.63 23.97 -2.86
CA GLU A 116 -2.43 25.02 -1.83
C GLU A 116 -3.50 24.83 -0.75
N TRP A 117 -4.76 24.73 -1.13
CA TRP A 117 -5.90 24.60 -0.20
C TRP A 117 -5.79 23.26 0.57
N LEU A 118 -5.33 22.20 -0.09
CA LEU A 118 -5.34 20.84 0.53
C LEU A 118 -4.25 20.75 1.62
N TRP A 119 -3.02 21.20 1.37
CA TRP A 119 -1.96 21.31 2.42
C TRP A 119 -2.41 22.17 3.61
N LYS A 120 -3.08 23.30 3.37
CA LYS A 120 -3.64 24.13 4.46
C LYS A 120 -4.58 23.27 5.29
N GLU A 121 -5.56 22.61 4.67
CA GLU A 121 -6.54 21.80 5.42
C GLU A 121 -5.82 20.70 6.21
N LEU A 122 -4.81 20.05 5.60
CA LEU A 122 -4.18 18.86 6.22
C LEU A 122 -3.36 19.38 7.42
N GLY A 123 -2.82 20.59 7.28
CA GLY A 123 -1.98 21.27 8.29
C GLY A 123 -2.78 21.95 9.39
N LYS A 124 -4.09 22.16 9.26
CA LYS A 124 -4.87 22.88 10.31
C LYS A 124 -4.64 22.27 11.70
N LYS A 125 -4.58 20.95 11.84
CA LYS A 125 -4.52 20.29 13.17
C LYS A 125 -3.24 19.47 13.32
N LYS A 126 -2.24 19.71 12.48
CA LYS A 126 -0.98 18.95 12.53
C LYS A 126 0.16 19.95 12.44
N THR A 127 1.30 19.61 13.04
CA THR A 127 2.52 20.42 13.00
C THR A 127 3.61 19.63 12.32
N PRO A 128 4.10 20.05 11.14
CA PRO A 128 5.24 19.37 10.53
C PRO A 128 6.43 19.39 11.49
N ARG A 129 7.26 18.35 11.45
CA ARG A 129 8.42 18.22 12.38
C ARG A 129 9.39 17.19 11.80
N MET A 130 10.67 17.28 12.19
CA MET A 130 11.70 16.33 11.73
C MET A 130 11.50 15.03 12.49
N CYS A 131 11.74 13.91 11.82
CA CYS A 131 11.82 12.58 12.47
C CYS A 131 13.28 12.36 12.87
N THR A 132 13.54 11.54 13.88
CA THR A 132 14.87 11.50 14.56
C THR A 132 15.59 10.18 14.26
N ARG A 133 16.94 10.23 14.29
CA ARG A 133 17.84 9.05 14.32
C ARG A 133 17.25 8.00 15.28
N GLU A 134 16.82 8.44 16.47
CA GLU A 134 16.26 7.56 17.52
C GLU A 134 15.03 6.83 16.98
N GLU A 135 14.11 7.54 16.32
CA GLU A 135 12.88 6.96 15.71
C GLU A 135 13.28 5.97 14.61
N PHE A 136 14.26 6.34 13.78
CA PHE A 136 14.71 5.54 12.62
C PHE A 136 15.33 4.23 13.10
N THR A 137 16.16 4.30 14.13
CA THR A 137 16.86 3.13 14.74
C THR A 137 15.83 2.12 15.25
N ARG A 138 14.85 2.57 16.04
CA ARG A 138 13.79 1.70 16.59
C ARG A 138 13.11 0.95 15.44
N LYS A 139 12.65 1.69 14.42
CA LYS A 139 11.99 1.12 13.22
C LYS A 139 12.84 -0.01 12.66
N VAL A 140 14.14 0.24 12.45
CA VAL A 140 15.11 -0.73 11.85
C VAL A 140 15.25 -1.92 12.79
N ARG A 141 15.25 -1.67 14.11
CA ARG A 141 15.45 -2.72 15.17
C ARG A 141 14.14 -3.47 15.39
N SER A 142 13.06 -3.06 14.70
CA SER A 142 11.73 -3.72 14.73
C SER A 142 11.43 -4.32 13.35
N ASN A 143 12.42 -4.28 12.46
CA ASN A 143 12.35 -4.87 11.08
C ASN A 143 11.17 -4.25 10.32
N ALA A 144 11.48 -3.41 9.33
CA ALA A 144 10.49 -2.73 8.45
C ALA A 144 11.12 -2.50 7.07
N ALA A 145 10.29 -2.35 6.04
CA ALA A 145 10.70 -2.23 4.61
C ALA A 145 11.12 -0.78 4.31
N LEU A 146 12.39 -0.45 4.58
CA LEU A 146 13.00 0.86 4.27
C LEU A 146 13.67 0.78 2.88
N GLY A 147 13.35 -0.26 2.11
CA GLY A 147 13.92 -0.52 0.78
C GLY A 147 15.37 -0.03 0.68
N ALA A 148 16.25 -0.51 1.56
CA ALA A 148 17.69 -0.16 1.63
C ALA A 148 18.51 -1.20 0.87
N ILE A 149 19.77 -0.89 0.55
CA ILE A 149 20.71 -1.78 -0.20
C ILE A 149 21.56 -2.55 0.81
N LYS A 155 30.30 -2.67 3.50
CA LYS A 155 30.84 -2.23 4.81
C LYS A 155 29.98 -2.85 5.93
N TRP A 156 28.71 -2.44 6.03
CA TRP A 156 27.79 -3.02 7.04
C TRP A 156 26.87 -4.03 6.35
N LYS A 157 26.75 -5.24 6.91
CA LYS A 157 25.92 -6.29 6.28
C LYS A 157 24.46 -5.87 6.28
N SER A 158 23.93 -5.51 7.45
CA SER A 158 22.49 -5.17 7.57
C SER A 158 22.32 -3.73 8.08
N ALA A 159 21.10 -3.20 8.02
CA ALA A 159 20.83 -1.85 8.55
C ALA A 159 20.97 -1.89 10.07
N ARG A 160 20.55 -2.99 10.69
CA ARG A 160 20.60 -3.11 12.17
C ARG A 160 22.04 -2.88 12.64
N GLU A 161 23.03 -3.10 11.78
CA GLU A 161 24.46 -2.94 12.15
C GLU A 161 24.88 -1.49 11.92
N ALA A 162 24.63 -0.95 10.73
CA ALA A 162 25.07 0.43 10.39
C ALA A 162 24.46 1.41 11.38
N VAL A 163 23.28 1.10 11.89
CA VAL A 163 22.53 2.01 12.80
C VAL A 163 23.25 2.07 14.16
N GLU A 164 24.04 1.03 14.50
CA GLU A 164 24.79 0.98 15.79
C GLU A 164 26.25 1.48 15.63
N ASP A 165 26.68 1.87 14.42
CA ASP A 165 28.07 2.29 14.13
C ASP A 165 28.11 3.78 13.76
N SER A 166 28.84 4.57 14.55
CA SER A 166 28.83 6.06 14.35
C SER A 166 29.40 6.48 12.99
N GLY A 167 30.20 5.65 12.35
CA GLY A 167 30.79 6.01 11.06
C GLY A 167 29.71 6.30 10.03
N PHE A 168 28.71 5.43 9.97
CA PHE A 168 27.57 5.62 9.03
C PHE A 168 26.93 6.99 9.30
N TRP A 169 26.77 7.33 10.58
CA TRP A 169 26.11 8.62 10.93
C TRP A 169 27.01 9.78 10.51
N GLU A 170 28.33 9.58 10.49
CA GLU A 170 29.23 10.65 9.98
C GLU A 170 28.94 10.82 8.50
N LEU A 171 28.70 9.71 7.79
CA LEU A 171 28.37 9.77 6.35
C LEU A 171 27.06 10.55 6.17
N VAL A 172 26.07 10.27 7.02
CA VAL A 172 24.76 10.98 6.96
C VAL A 172 25.03 12.48 7.14
N ASP A 173 25.88 12.84 8.10
CA ASP A 173 26.17 14.27 8.39
C ASP A 173 26.73 14.93 7.13
N LYS A 174 27.64 14.24 6.44
CA LYS A 174 28.29 14.84 5.25
C LYS A 174 27.22 15.15 4.22
N GLU A 175 26.39 14.16 3.88
CA GLU A 175 25.32 14.37 2.87
C GLU A 175 24.38 15.46 3.39
N ARG A 176 24.05 15.41 4.68
CA ARG A 176 23.08 16.38 5.27
C ARG A 176 23.61 17.81 5.10
N ASN A 177 24.86 18.05 5.48
CA ASN A 177 25.46 19.40 5.36
C ASN A 177 25.49 19.77 3.88
N LEU A 178 25.77 18.80 3.01
CA LEU A 178 25.74 19.04 1.55
C LEU A 178 24.31 19.42 1.14
N HIS A 179 23.31 18.67 1.61
CA HIS A 179 21.90 19.05 1.34
C HIS A 179 21.62 20.50 1.81
N LEU A 180 22.10 20.91 2.99
CA LEU A 180 21.97 22.32 3.49
C LEU A 180 22.67 23.28 2.49
N GLU A 181 23.74 22.85 1.81
CA GLU A 181 24.43 23.64 0.76
C GLU A 181 23.60 23.67 -0.54
N GLY A 182 22.61 22.78 -0.69
CA GLY A 182 21.81 22.65 -1.93
C GLY A 182 22.45 21.73 -2.96
N LYS A 183 23.22 20.74 -2.52
CA LYS A 183 23.94 19.77 -3.39
C LYS A 183 23.80 18.34 -2.84
N CYS A 184 24.10 17.33 -3.65
CA CYS A 184 23.85 15.89 -3.34
C CYS A 184 25.02 15.05 -3.87
N GLU A 185 25.45 14.04 -3.12
CA GLU A 185 26.59 13.17 -3.50
C GLU A 185 26.17 11.69 -3.62
N THR A 186 25.34 11.17 -2.71
CA THR A 186 25.16 9.70 -2.54
C THR A 186 23.69 9.26 -2.60
N CYS A 187 22.72 10.16 -2.78
CA CYS A 187 21.27 9.83 -2.86
C CYS A 187 20.93 9.37 -4.30
N VAL A 188 21.23 8.10 -4.58
CA VAL A 188 21.11 7.44 -5.90
C VAL A 188 20.15 6.24 -5.80
N TYR A 189 19.24 6.12 -6.76
CA TYR A 189 18.26 5.00 -6.78
C TYR A 189 18.90 3.78 -7.44
N ASN A 190 18.47 2.60 -7.00
CA ASN A 190 18.74 1.27 -7.63
C ASN A 190 17.41 0.63 -8.05
N MET A 191 17.22 0.37 -9.35
CA MET A 191 15.94 -0.13 -9.93
C MET A 191 15.89 -1.67 -9.84
N MET A 192 14.69 -2.25 -9.68
CA MET A 192 14.44 -3.73 -9.58
C MET A 192 12.94 -4.03 -9.67
N ALA A 210 7.81 -1.25 -10.50
CA ALA A 210 9.26 -1.23 -10.14
C ALA A 210 9.42 -0.66 -8.72
N ILE A 211 10.46 -1.10 -8.01
CA ILE A 211 10.82 -0.63 -6.63
C ILE A 211 12.22 0.00 -6.66
N TRP A 212 12.36 1.20 -6.08
CA TRP A 212 13.61 2.00 -6.09
C TRP A 212 14.25 1.98 -4.70
N TYR A 213 15.27 1.13 -4.51
CA TYR A 213 16.09 1.05 -3.27
C TYR A 213 17.14 2.15 -3.28
N MET A 214 17.46 2.69 -2.10
CA MET A 214 18.63 3.58 -1.85
C MET A 214 19.43 3.01 -0.68
N TRP A 215 20.62 3.53 -0.41
CA TRP A 215 21.39 3.15 0.80
C TRP A 215 20.69 3.75 2.03
N LEU A 216 20.83 3.12 3.19
CA LEU A 216 20.10 3.54 4.42
C LEU A 216 20.28 5.02 4.73
N GLY A 217 21.42 5.62 4.40
CA GLY A 217 21.65 7.03 4.75
C GLY A 217 20.68 7.94 4.04
N ALA A 218 20.46 7.71 2.75
CA ALA A 218 19.51 8.52 1.96
C ALA A 218 18.10 8.31 2.50
N ARG A 219 17.78 7.08 2.89
CA ARG A 219 16.44 6.75 3.45
C ARG A 219 16.22 7.50 4.76
N PHE A 220 17.26 7.59 5.59
CA PHE A 220 17.13 8.36 6.85
C PHE A 220 16.81 9.81 6.52
N LEU A 221 17.56 10.39 5.58
CA LEU A 221 17.38 11.83 5.26
C LEU A 221 15.97 12.04 4.72
N GLU A 222 15.45 11.08 3.93
CA GLU A 222 14.05 11.19 3.46
C GLU A 222 13.10 11.11 4.66
N PHE A 223 13.34 10.17 5.57
CA PHE A 223 12.49 9.97 6.77
C PHE A 223 12.54 11.18 7.71
N GLU A 224 13.73 11.75 7.89
CA GLU A 224 13.91 12.92 8.78
C GLU A 224 13.12 14.10 8.27
N ALA A 225 13.02 14.23 6.95
CA ALA A 225 12.40 15.43 6.36
C ALA A 225 10.90 15.20 6.14
N LEU A 226 10.48 13.97 5.82
CA LEU A 226 9.10 13.72 5.31
C LEU A 226 8.39 12.59 6.04
N GLY A 227 9.04 11.91 6.99
CA GLY A 227 8.46 10.80 7.79
C GLY A 227 7.26 11.24 8.60
N PHE A 228 7.20 12.53 8.95
CA PHE A 228 6.07 13.07 9.75
C PHE A 228 4.73 12.77 9.06
N LEU A 229 4.70 12.78 7.73
CA LEU A 229 3.44 12.55 6.96
C LEU A 229 2.81 11.22 7.43
N ASN A 230 3.61 10.16 7.53
CA ASN A 230 3.15 8.83 7.98
C ASN A 230 3.17 8.74 9.50
N GLU A 231 4.29 9.12 10.14
CA GLU A 231 4.45 8.93 11.62
C GLU A 231 3.36 9.71 12.38
N ASP A 232 2.91 10.87 11.87
CA ASP A 232 1.87 11.69 12.56
C ASP A 232 0.54 11.63 11.78
N HIS A 233 0.38 10.64 10.90
CA HIS A 233 -0.97 10.25 10.40
C HIS A 233 -1.67 11.42 9.70
N TRP A 234 -0.99 12.08 8.78
CA TRP A 234 -1.56 13.23 8.03
C TRP A 234 -2.72 12.73 7.13
N PHE A 235 -2.67 11.47 6.71
CA PHE A 235 -3.70 10.86 5.83
C PHE A 235 -4.68 9.95 6.59
N SER A 236 -4.75 10.06 7.91
CA SER A 236 -5.85 9.47 8.73
C SER A 236 -7.19 10.00 8.19
N ARG A 237 -8.27 9.24 8.36
CA ARG A 237 -9.62 9.70 7.93
C ARG A 237 -10.02 10.95 8.75
N GLU A 238 -9.72 10.97 10.06
CA GLU A 238 -10.06 12.14 10.94
C GLU A 238 -9.39 13.40 10.39
N ASN A 239 -8.12 13.32 10.00
CA ASN A 239 -7.35 14.52 9.59
C ASN A 239 -7.63 14.91 8.12
N SER A 240 -7.77 13.94 7.20
CA SER A 240 -7.77 14.19 5.72
C SER A 240 -9.18 14.04 5.12
N LEU A 241 -10.10 13.36 5.83
CA LEU A 241 -11.53 13.15 5.47
C LEU A 241 -11.68 12.11 4.35
N SER A 242 -10.78 12.09 3.35
CA SER A 242 -10.76 11.13 2.22
C SER A 242 -9.86 9.94 2.54
N GLY A 243 -8.82 10.16 3.35
CA GLY A 243 -7.80 9.13 3.63
C GLY A 243 -8.30 8.02 4.50
N VAL A 244 -7.52 6.94 4.56
CA VAL A 244 -7.81 5.75 5.42
C VAL A 244 -6.51 5.28 6.10
N GLU A 245 -5.49 6.14 6.22
CA GLU A 245 -4.21 5.73 6.87
C GLU A 245 -4.52 5.20 8.28
N GLY A 246 -3.97 4.04 8.61
CA GLY A 246 -4.15 3.37 9.91
C GLY A 246 -5.41 2.51 9.99
N GLU A 247 -6.21 2.45 8.92
CA GLU A 247 -7.51 1.72 8.91
C GLU A 247 -7.28 0.27 8.44
N GLY A 248 -7.52 -0.71 9.31
CA GLY A 248 -7.51 -2.15 8.97
C GLY A 248 -8.68 -2.56 8.09
N LEU A 249 -8.70 -3.80 7.60
CA LEU A 249 -9.74 -4.31 6.68
C LEU A 249 -11.09 -4.38 7.40
N HIS A 250 -11.09 -4.46 8.73
CA HIS A 250 -12.30 -4.42 9.59
C HIS A 250 -12.84 -2.99 9.69
N LYS A 251 -12.16 -2.02 9.08
CA LYS A 251 -12.58 -0.59 9.04
C LYS A 251 -13.11 -0.22 7.66
N LEU A 252 -12.46 -0.71 6.59
CA LEU A 252 -12.63 -0.15 5.22
C LEU A 252 -14.07 -0.34 4.72
N GLY A 253 -14.69 -1.48 5.03
CA GLY A 253 -16.05 -1.74 4.54
C GLY A 253 -17.06 -0.82 5.21
N TYR A 254 -16.89 -0.55 6.50
CA TYR A 254 -17.74 0.42 7.24
C TYR A 254 -17.57 1.82 6.66
N ILE A 255 -16.35 2.18 6.28
CA ILE A 255 -16.06 3.49 5.68
C ILE A 255 -16.77 3.59 4.32
N LEU A 256 -16.68 2.55 3.46
CA LEU A 256 -17.39 2.58 2.15
C LEU A 256 -18.90 2.69 2.38
N ARG A 257 -19.45 1.95 3.35
CA ARG A 257 -20.90 2.02 3.69
C ARG A 257 -21.26 3.45 4.16
N ASP A 258 -20.40 4.12 4.94
CA ASP A 258 -20.69 5.53 5.35
C ASP A 258 -20.70 6.43 4.08
N VAL A 259 -19.77 6.28 3.16
CA VAL A 259 -19.78 7.07 1.90
C VAL A 259 -21.11 6.80 1.16
N SER A 260 -21.57 5.55 1.09
CA SER A 260 -22.81 5.12 0.40
C SER A 260 -24.04 5.88 0.96
N LYS A 261 -24.02 6.30 2.22
CA LYS A 261 -25.16 6.95 2.91
C LYS A 261 -25.37 8.40 2.47
N LYS A 262 -24.35 9.00 1.86
CA LYS A 262 -24.41 10.35 1.26
C LYS A 262 -25.37 10.34 0.07
N GLU A 263 -26.17 11.41 -0.08
CA GLU A 263 -26.97 11.64 -1.30
C GLU A 263 -25.99 11.81 -2.44
N GLY A 264 -26.20 11.14 -3.58
CA GLY A 264 -25.37 11.37 -4.77
C GLY A 264 -25.59 10.33 -5.84
N GLY A 265 -24.66 10.20 -6.79
CA GLY A 265 -24.83 9.24 -7.89
C GLY A 265 -24.21 7.88 -7.57
N ALA A 266 -23.77 7.16 -8.59
CA ALA A 266 -23.06 5.87 -8.48
C ALA A 266 -21.78 6.05 -7.66
N MET A 267 -21.18 4.96 -7.20
CA MET A 267 -19.81 4.96 -6.64
C MET A 267 -18.83 4.62 -7.77
N TYR A 268 -17.81 5.44 -7.97
CA TYR A 268 -16.81 5.31 -9.03
C TYR A 268 -15.51 4.86 -8.40
N ALA A 269 -14.88 3.86 -9.02
CA ALA A 269 -13.62 3.30 -8.55
C ALA A 269 -12.77 3.05 -9.77
N ASP A 270 -12.33 4.11 -10.43
CA ASP A 270 -11.51 3.98 -11.65
C ASP A 270 -10.05 3.87 -11.22
N ASP A 271 -9.38 2.80 -11.66
CA ASP A 271 -7.91 2.64 -11.54
C ASP A 271 -7.21 3.54 -12.55
N THR A 272 -6.06 4.09 -12.20
CA THR A 272 -5.11 4.72 -13.14
C THR A 272 -4.23 3.61 -13.72
N ALA A 273 -3.82 3.75 -14.97
CA ALA A 273 -2.85 2.85 -15.64
C ALA A 273 -1.42 3.29 -15.29
N GLY A 274 -0.76 2.58 -14.38
CA GLY A 274 0.61 2.89 -13.91
C GLY A 274 0.74 4.26 -13.28
N TRP A 275 0.05 4.46 -12.16
CA TRP A 275 -0.01 5.75 -11.44
C TRP A 275 1.37 6.41 -11.26
N ASP A 276 2.34 5.64 -10.74
CA ASP A 276 3.72 6.12 -10.43
C ASP A 276 4.33 6.77 -11.69
N THR A 277 4.15 6.13 -12.85
CA THR A 277 4.75 6.59 -14.15
C THR A 277 4.06 7.85 -14.66
N ARG A 278 2.88 8.23 -14.15
CA ARG A 278 2.08 9.39 -14.64
C ARG A 278 2.22 10.59 -13.72
N ILE A 279 3.08 10.52 -12.69
CA ILE A 279 3.33 11.69 -11.80
C ILE A 279 4.17 12.71 -12.59
N THR A 280 3.61 13.90 -12.86
CA THR A 280 4.23 14.96 -13.69
C THR A 280 5.19 15.78 -12.82
N LEU A 281 6.09 16.54 -13.42
CA LEU A 281 6.93 17.49 -12.64
C LEU A 281 6.01 18.50 -11.97
N GLU A 282 4.86 18.83 -12.56
CA GLU A 282 3.87 19.77 -11.95
C GLU A 282 3.26 19.16 -10.68
N ASP A 283 3.01 17.86 -10.70
CA ASP A 283 2.59 17.11 -9.49
C ASP A 283 3.68 17.23 -8.42
N LEU A 284 4.95 16.91 -8.77
CA LEU A 284 6.10 16.98 -7.81
C LEU A 284 6.24 18.39 -7.21
N LYS A 285 5.92 19.46 -7.96
CA LYS A 285 5.97 20.88 -7.51
C LYS A 285 4.78 21.19 -6.60
N ASN A 286 3.61 20.64 -6.85
CA ASN A 286 2.47 20.87 -5.92
C ASN A 286 2.70 20.12 -4.60
N GLU A 287 3.30 18.93 -4.65
CA GLU A 287 3.62 18.11 -3.44
C GLU A 287 4.66 18.86 -2.57
N GLU A 288 5.65 19.47 -3.20
CA GLU A 288 6.73 20.29 -2.56
C GLU A 288 6.13 21.45 -1.74
N MET A 289 4.94 21.94 -2.08
CA MET A 289 4.32 23.06 -1.33
C MET A 289 4.09 22.69 0.13
N VAL A 290 4.23 21.42 0.51
CA VAL A 290 4.14 21.07 1.96
C VAL A 290 5.25 21.82 2.71
N THR A 291 6.44 22.03 2.12
CA THR A 291 7.56 22.80 2.74
C THR A 291 7.12 24.22 3.15
N ASN A 292 6.11 24.80 2.48
CA ASN A 292 5.58 26.15 2.86
C ASN A 292 5.04 26.14 4.29
N HIS A 293 4.82 24.98 4.90
CA HIS A 293 4.19 24.88 6.25
C HIS A 293 5.26 24.62 7.30
N MET A 294 6.52 24.62 6.86
CA MET A 294 7.67 24.17 7.65
C MET A 294 8.50 25.40 8.04
N GLU A 295 9.54 25.22 8.84
CA GLU A 295 10.40 26.34 9.31
C GLU A 295 11.81 25.87 9.60
N GLY A 296 12.72 26.84 9.72
CA GLY A 296 14.11 26.63 10.13
C GLY A 296 14.78 25.58 9.25
N GLU A 297 15.57 24.74 9.91
CA GLU A 297 16.34 23.62 9.32
C GLU A 297 15.42 22.68 8.52
N HIS A 298 14.29 22.28 9.10
CA HIS A 298 13.39 21.25 8.53
C HIS A 298 13.02 21.70 7.11
N LYS A 299 12.55 22.94 6.98
CA LYS A 299 12.14 23.52 5.68
C LYS A 299 13.27 23.32 4.68
N LYS A 300 14.52 23.62 5.06
CA LYS A 300 15.70 23.51 4.17
C LYS A 300 15.88 22.05 3.79
N LEU A 301 15.88 21.15 4.77
CA LEU A 301 16.15 19.70 4.58
C LEU A 301 15.05 19.11 3.65
N ALA A 302 13.78 19.50 3.84
CA ALA A 302 12.62 19.02 3.06
C ALA A 302 12.76 19.53 1.62
N GLU A 303 13.05 20.81 1.45
CA GLU A 303 13.26 21.46 0.14
C GLU A 303 14.33 20.68 -0.65
N ALA A 304 15.38 20.23 0.02
CA ALA A 304 16.50 19.54 -0.63
C ALA A 304 16.07 18.13 -1.08
N ILE A 305 15.31 17.40 -0.27
CA ILE A 305 14.78 16.08 -0.69
C ILE A 305 13.97 16.30 -1.96
N PHE A 306 13.02 17.23 -1.95
CA PHE A 306 12.14 17.50 -3.13
C PHE A 306 12.99 17.91 -4.35
N LYS A 307 13.87 18.91 -4.21
CA LYS A 307 14.75 19.44 -5.30
C LYS A 307 15.70 18.36 -5.84
N LEU A 308 16.43 17.68 -4.97
CA LEU A 308 17.66 16.96 -5.37
C LEU A 308 17.38 15.47 -5.59
N THR A 309 16.38 14.89 -4.93
CA THR A 309 16.11 13.42 -5.04
C THR A 309 14.81 13.13 -5.80
N TYR A 310 13.81 14.00 -5.75
CA TYR A 310 12.45 13.73 -6.34
C TYR A 310 12.35 14.41 -7.72
N GLN A 311 12.63 15.71 -7.81
CA GLN A 311 12.47 16.52 -9.04
C GLN A 311 13.72 16.41 -9.93
N ASN A 312 14.76 15.72 -9.44
CA ASN A 312 15.97 15.27 -10.18
C ASN A 312 16.38 13.93 -9.58
N LYS A 313 16.54 12.90 -10.40
CA LYS A 313 16.78 11.52 -9.91
C LYS A 313 17.95 10.90 -10.66
N VAL A 314 18.75 10.13 -9.96
CA VAL A 314 19.86 9.34 -10.55
C VAL A 314 19.57 7.90 -10.17
N VAL A 315 19.68 7.01 -11.15
CA VAL A 315 19.25 5.60 -10.98
C VAL A 315 20.30 4.70 -11.59
N ARG A 316 20.50 3.54 -10.99
CA ARG A 316 21.38 2.50 -11.55
C ARG A 316 20.52 1.28 -11.87
N VAL A 317 20.52 0.83 -13.13
CA VAL A 317 19.70 -0.32 -13.64
C VAL A 317 20.63 -1.45 -14.10
N GLN A 318 20.32 -2.70 -13.72
CA GLN A 318 20.97 -3.94 -14.22
C GLN A 318 20.48 -4.24 -15.64
N ARG A 319 21.38 -4.31 -16.63
CA ARG A 319 21.07 -4.61 -18.06
C ARG A 319 21.88 -5.82 -18.51
N PRO A 320 21.22 -6.97 -18.83
CA PRO A 320 21.92 -8.22 -19.15
C PRO A 320 22.92 -8.18 -20.31
N THR A 321 22.60 -7.42 -21.37
CA THR A 321 23.43 -7.28 -22.60
C THR A 321 24.87 -6.92 -22.21
N THR A 325 26.24 -8.06 -18.71
CA THR A 325 25.61 -7.47 -17.49
C THR A 325 26.37 -6.19 -17.12
N VAL A 326 25.94 -5.05 -17.66
CA VAL A 326 26.42 -3.70 -17.26
C VAL A 326 25.40 -3.09 -16.29
N MET A 327 25.82 -2.06 -15.57
CA MET A 327 24.96 -1.17 -14.73
C MET A 327 24.84 0.17 -15.46
N ASP A 328 23.60 0.59 -15.79
CA ASP A 328 23.33 1.86 -16.51
C ASP A 328 23.00 2.96 -15.51
N ILE A 329 23.64 4.12 -15.66
CA ILE A 329 23.43 5.31 -14.80
C ILE A 329 22.61 6.27 -15.62
N ILE A 330 21.32 6.33 -15.30
CA ILE A 330 20.31 7.12 -16.05
C ILE A 330 19.71 8.12 -15.07
N SER A 331 19.13 9.19 -15.61
CA SER A 331 18.49 10.27 -14.84
C SER A 331 17.18 10.68 -15.52
N ARG A 332 16.28 11.32 -14.76
CA ARG A 332 15.08 12.03 -15.28
C ARG A 332 14.50 12.89 -14.17
N ARG A 333 13.50 13.74 -14.50
CA ARG A 333 13.03 14.84 -13.63
C ARG A 333 11.67 14.49 -12.98
N ASP A 334 10.79 13.77 -13.69
CA ASP A 334 9.40 13.48 -13.23
C ASP A 334 9.25 11.99 -12.94
N GLN A 335 8.02 11.56 -12.60
CA GLN A 335 7.66 10.17 -12.19
C GLN A 335 7.91 10.01 -10.69
N ARG A 336 7.36 8.94 -10.11
CA ARG A 336 7.44 8.64 -8.66
C ARG A 336 8.58 7.64 -8.39
N GLY A 337 9.60 8.11 -7.67
CA GLY A 337 10.66 7.30 -7.05
C GLY A 337 11.00 7.88 -5.70
N SER A 338 10.48 7.27 -4.62
CA SER A 338 10.71 7.72 -3.22
C SER A 338 10.61 6.44 -2.41
N GLY A 339 10.88 6.49 -1.10
CA GLY A 339 10.52 5.40 -0.19
C GLY A 339 9.07 5.00 -0.40
N GLN A 340 8.75 3.72 -0.20
CA GLN A 340 7.38 3.21 -0.42
C GLN A 340 6.43 3.96 0.52
N VAL A 341 6.87 4.37 1.72
CA VAL A 341 5.92 4.99 2.71
C VAL A 341 5.69 6.47 2.35
N VAL A 342 6.74 7.22 1.99
CA VAL A 342 6.51 8.60 1.49
C VAL A 342 5.74 8.55 0.17
N THR A 343 6.01 7.58 -0.69
CA THR A 343 5.24 7.38 -1.94
C THR A 343 3.73 7.24 -1.62
N TYR A 344 3.38 6.51 -0.56
CA TYR A 344 1.97 6.26 -0.21
C TYR A 344 1.31 7.61 0.09
N GLY A 345 1.92 8.45 0.93
CA GLY A 345 1.26 9.68 1.39
C GLY A 345 1.16 10.70 0.27
N LEU A 346 2.17 10.79 -0.60
CA LEU A 346 2.17 11.77 -1.71
C LEU A 346 1.21 11.30 -2.83
N ASN A 347 1.14 10.00 -3.10
CA ASN A 347 0.07 9.37 -3.94
C ASN A 347 -1.30 9.75 -3.38
N THR A 348 -1.55 9.53 -2.10
CA THR A 348 -2.86 9.87 -1.47
C THR A 348 -3.16 11.36 -1.73
N PHE A 349 -2.19 12.25 -1.47
CA PHE A 349 -2.35 13.72 -1.60
C PHE A 349 -2.78 14.07 -3.02
N THR A 350 -2.01 13.63 -4.00
CA THR A 350 -2.15 14.03 -5.41
C THR A 350 -3.43 13.36 -5.96
N ASN A 351 -3.79 12.18 -5.47
CA ASN A 351 -5.04 11.47 -5.85
C ASN A 351 -6.21 12.27 -5.27
N MET A 352 -6.12 12.70 -4.02
CA MET A 352 -7.19 13.53 -3.41
C MET A 352 -7.39 14.80 -4.27
N GLU A 353 -6.29 15.42 -4.71
CA GLU A 353 -6.31 16.67 -5.53
C GLU A 353 -7.01 16.38 -6.86
N ALA A 354 -6.54 15.38 -7.60
CA ALA A 354 -7.12 15.00 -8.89
C ALA A 354 -8.61 14.70 -8.77
N GLN A 355 -9.03 13.95 -7.75
CA GLN A 355 -10.45 13.55 -7.64
C GLN A 355 -11.31 14.79 -7.26
N LEU A 356 -10.83 15.73 -6.46
CA LEU A 356 -11.58 17.00 -6.17
C LEU A 356 -11.76 17.79 -7.49
N ILE A 357 -10.75 17.81 -8.34
CA ILE A 357 -10.79 18.56 -9.63
C ILE A 357 -11.77 17.86 -10.58
N ARG A 358 -11.74 16.52 -10.65
CA ARG A 358 -12.73 15.78 -11.44
C ARG A 358 -14.13 16.06 -10.90
N GLN A 359 -14.31 16.06 -9.58
CA GLN A 359 -15.62 16.45 -8.99
C GLN A 359 -15.95 17.89 -9.44
N MET A 360 -15.00 18.83 -9.45
CA MET A 360 -15.28 20.25 -9.86
C MET A 360 -15.80 20.26 -11.32
N GLU A 361 -15.14 19.52 -12.20
CA GLU A 361 -15.51 19.39 -13.61
C GLU A 361 -16.93 18.86 -13.75
N GLY A 362 -17.33 17.86 -12.96
CA GLY A 362 -18.69 17.29 -13.07
C GLY A 362 -19.76 18.30 -12.62
N GLU A 363 -19.41 19.12 -11.64
CA GLU A 363 -20.33 20.12 -11.06
C GLU A 363 -20.30 21.41 -11.91
N GLY A 364 -19.49 21.49 -12.95
CA GLY A 364 -19.43 22.66 -13.84
C GLY A 364 -18.83 23.89 -13.17
N VAL A 365 -17.82 23.73 -12.29
CA VAL A 365 -17.18 24.85 -11.55
C VAL A 365 -16.29 25.65 -12.52
N PHE A 366 -15.77 24.99 -13.56
CA PHE A 366 -14.99 25.56 -14.68
C PHE A 366 -15.49 24.91 -15.99
N LYS A 367 -15.23 25.59 -17.11
CA LYS A 367 -15.87 25.35 -18.42
C LYS A 367 -14.87 24.63 -19.35
N SER A 368 -13.58 24.95 -19.23
CA SER A 368 -12.50 24.33 -20.05
C SER A 368 -11.13 24.43 -19.36
N ILE A 369 -10.29 23.43 -19.60
CA ILE A 369 -8.94 23.23 -18.99
C ILE A 369 -7.91 24.08 -19.75
N GLN A 370 -8.28 24.58 -20.93
CA GLN A 370 -7.36 25.34 -21.81
C GLN A 370 -6.84 26.56 -21.05
N HIS A 371 -7.76 27.28 -20.40
CA HIS A 371 -7.51 28.56 -19.70
C HIS A 371 -8.59 28.79 -18.64
N LEU A 372 -8.17 29.13 -17.42
CA LEU A 372 -9.08 29.49 -16.30
C LEU A 372 -9.17 31.02 -16.24
N THR A 373 -10.37 31.57 -16.46
CA THR A 373 -10.68 33.02 -16.32
C THR A 373 -10.35 33.43 -14.88
N VAL A 374 -10.29 34.73 -14.61
CA VAL A 374 -10.03 35.28 -13.25
C VAL A 374 -11.21 34.89 -12.33
N THR A 375 -12.44 35.01 -12.84
CA THR A 375 -13.69 34.74 -12.08
C THR A 375 -13.81 33.24 -11.78
N GLU A 376 -13.36 32.38 -12.71
CA GLU A 376 -13.41 30.90 -12.55
C GLU A 376 -12.46 30.49 -11.42
N GLU A 377 -11.29 31.14 -11.31
CA GLU A 377 -10.35 30.96 -10.18
C GLU A 377 -11.08 31.27 -8.88
N ILE A 378 -11.71 32.46 -8.79
CA ILE A 378 -12.52 32.87 -7.62
C ILE A 378 -13.48 31.73 -7.28
N ALA A 379 -14.27 31.30 -8.26
CA ALA A 379 -15.32 30.25 -8.13
C ALA A 379 -14.71 28.96 -7.55
N VAL A 380 -13.58 28.51 -8.10
CA VAL A 380 -12.86 27.27 -7.66
C VAL A 380 -12.49 27.42 -6.17
N LYS A 381 -11.92 28.57 -5.79
CA LYS A 381 -11.49 28.84 -4.40
C LYS A 381 -12.73 28.83 -3.50
N ASN A 382 -13.82 29.44 -3.95
CA ASN A 382 -15.08 29.59 -3.17
C ASN A 382 -15.76 28.22 -3.03
N TRP A 383 -15.64 27.37 -4.06
CA TRP A 383 -16.13 25.96 -4.02
C TRP A 383 -15.34 25.22 -2.91
N LEU A 384 -14.02 25.30 -2.96
CA LEU A 384 -13.13 24.63 -1.98
C LEU A 384 -13.46 25.08 -0.55
N VAL A 385 -13.63 26.39 -0.34
CA VAL A 385 -13.91 26.99 0.98
C VAL A 385 -15.29 26.55 1.44
N ARG A 386 -16.24 26.59 0.51
CA ARG A 386 -17.71 26.38 0.75
C ARG A 386 -18.00 24.89 0.98
N VAL A 387 -17.47 24.01 0.12
CA VAL A 387 -17.89 22.56 0.09
C VAL A 387 -16.73 21.57 0.04
N GLY A 388 -15.47 22.03 0.02
CA GLY A 388 -14.27 21.19 -0.11
C GLY A 388 -14.27 20.03 0.87
N ARG A 389 -14.49 20.32 2.14
CA ARG A 389 -14.43 19.28 3.20
C ARG A 389 -15.58 18.32 2.92
N GLU A 390 -16.76 18.81 2.54
CA GLU A 390 -17.89 17.88 2.25
C GLU A 390 -17.52 16.95 1.08
N ARG A 391 -16.86 17.49 0.06
CA ARG A 391 -16.48 16.71 -1.14
C ARG A 391 -15.38 15.69 -0.80
N LEU A 392 -14.50 16.03 0.15
CA LEU A 392 -13.42 15.09 0.60
C LEU A 392 -14.08 13.90 1.28
N SER A 393 -15.13 14.13 2.05
CA SER A 393 -15.81 13.08 2.83
C SER A 393 -16.56 12.12 1.90
N ARG A 394 -16.69 12.43 0.60
CA ARG A 394 -17.42 11.60 -0.38
C ARG A 394 -16.43 10.59 -0.99
N MET A 395 -15.20 10.61 -0.51
CA MET A 395 -14.13 9.76 -1.08
C MET A 395 -13.44 8.86 -0.02
N ALA A 396 -12.96 7.71 -0.48
CA ALA A 396 -12.03 6.83 0.22
C ALA A 396 -10.81 6.64 -0.69
N ILE A 397 -9.65 7.14 -0.28
CA ILE A 397 -8.43 7.20 -1.09
C ILE A 397 -7.25 6.60 -0.32
N SER A 398 -6.65 5.60 -0.93
CA SER A 398 -5.48 4.87 -0.42
C SER A 398 -4.42 4.90 -1.50
N GLY A 399 -3.49 5.85 -1.42
CA GLY A 399 -2.49 6.01 -2.48
C GLY A 399 -3.16 6.16 -3.84
N ASP A 400 -2.80 5.33 -4.82
CA ASP A 400 -3.37 5.47 -6.17
C ASP A 400 -4.78 4.90 -6.24
N ASP A 401 -5.31 4.34 -5.16
CA ASP A 401 -6.63 3.65 -5.20
C ASP A 401 -7.70 4.59 -4.68
N CYS A 402 -8.82 4.76 -5.38
CA CYS A 402 -9.93 5.63 -4.91
C CYS A 402 -11.30 5.03 -5.12
N VAL A 403 -12.23 5.51 -4.29
CA VAL A 403 -13.71 5.34 -4.44
C VAL A 403 -14.29 6.74 -4.24
N VAL A 404 -15.12 7.19 -5.17
CA VAL A 404 -15.74 8.55 -5.12
C VAL A 404 -17.24 8.39 -5.25
N LYS A 405 -17.99 8.95 -4.33
CA LYS A 405 -19.45 9.10 -4.51
C LYS A 405 -19.75 10.58 -4.78
N PRO A 406 -19.76 10.98 -6.07
CA PRO A 406 -19.98 12.38 -6.42
C PRO A 406 -21.43 12.81 -6.19
N LEU A 407 -21.65 14.11 -6.30
CA LEU A 407 -22.98 14.77 -6.16
C LEU A 407 -24.00 14.11 -7.13
N ASP A 408 -23.59 13.70 -8.34
CA ASP A 408 -24.50 13.06 -9.33
C ASP A 408 -23.64 12.36 -10.37
N ASP A 409 -24.24 11.82 -11.44
CA ASP A 409 -23.48 11.03 -12.44
C ASP A 409 -22.90 11.90 -13.57
N ARG A 410 -22.94 13.23 -13.49
CA ARG A 410 -22.17 14.04 -14.48
C ARG A 410 -20.67 13.70 -14.39
N PHE A 411 -20.20 13.29 -13.20
CA PHE A 411 -18.81 12.87 -12.90
C PHE A 411 -18.33 11.82 -13.88
N ALA A 412 -19.20 10.87 -14.28
CA ALA A 412 -18.85 9.74 -15.16
C ALA A 412 -18.21 10.20 -16.48
N SER A 413 -18.68 11.32 -17.05
CA SER A 413 -18.17 11.84 -18.35
C SER A 413 -17.31 13.09 -18.14
N ALA A 414 -16.90 13.43 -16.92
CA ALA A 414 -16.04 14.60 -16.65
C ALA A 414 -14.59 14.14 -16.71
N LEU A 415 -13.98 14.14 -17.91
CA LEU A 415 -12.74 13.39 -18.19
C LEU A 415 -11.60 14.32 -18.67
N THR A 416 -11.83 15.60 -18.92
CA THR A 416 -10.81 16.43 -19.62
C THR A 416 -9.65 16.70 -18.66
N ALA A 417 -9.93 17.17 -17.44
CA ALA A 417 -8.87 17.49 -16.44
C ALA A 417 -8.13 16.21 -16.05
N LEU A 418 -8.87 15.10 -15.83
CA LEU A 418 -8.26 13.81 -15.39
C LEU A 418 -7.28 13.32 -16.46
N ASN A 419 -7.71 13.32 -17.73
CA ASN A 419 -6.84 12.90 -18.87
C ASN A 419 -5.67 13.90 -18.98
N ASP A 420 -5.94 15.21 -18.89
CA ASP A 420 -4.88 16.25 -19.09
C ASP A 420 -3.87 16.23 -17.92
N MET A 421 -4.29 15.87 -16.71
CA MET A 421 -3.33 15.71 -15.57
C MET A 421 -2.45 14.48 -15.84
N GLY A 422 -2.77 13.67 -16.86
CA GLY A 422 -2.07 12.40 -17.19
C GLY A 422 -2.53 11.18 -16.37
N LYS A 423 -3.59 11.30 -15.56
CA LYS A 423 -4.16 10.19 -14.74
C LYS A 423 -5.20 9.40 -15.55
N VAL A 424 -4.70 8.77 -16.62
CA VAL A 424 -5.48 8.03 -17.65
C VAL A 424 -5.98 6.73 -17.03
N ARG A 425 -7.28 6.48 -17.15
CA ARG A 425 -7.97 5.31 -16.55
C ARG A 425 -7.48 4.03 -17.23
N LYS A 426 -7.38 2.95 -16.44
CA LYS A 426 -7.06 1.57 -16.87
C LYS A 426 -8.23 0.98 -17.68
N ASP A 427 -7.93 0.16 -18.68
CA ASP A 427 -8.89 -0.78 -19.33
C ASP A 427 -10.20 -0.09 -19.70
N ILE A 428 -10.13 1.10 -20.31
CA ILE A 428 -11.31 1.83 -20.86
C ILE A 428 -10.80 2.89 -21.85
N GLN A 429 -11.54 3.12 -22.94
CA GLN A 429 -11.18 4.14 -23.96
C GLN A 429 -11.15 5.53 -23.31
N GLN A 430 -10.17 6.33 -23.72
CA GLN A 430 -9.78 7.61 -23.07
C GLN A 430 -11.02 8.48 -22.81
N TRP A 431 -12.01 8.47 -23.73
CA TRP A 431 -13.14 9.42 -23.68
C TRP A 431 -14.47 8.70 -23.42
N GLU A 432 -14.42 7.39 -23.16
CA GLU A 432 -15.61 6.58 -22.79
C GLU A 432 -15.98 6.90 -21.33
N PRO A 433 -17.26 7.18 -21.02
CA PRO A 433 -17.65 7.53 -19.66
C PRO A 433 -17.42 6.39 -18.66
N SER A 434 -17.03 6.71 -17.42
CA SER A 434 -16.83 5.73 -16.33
C SER A 434 -18.15 5.00 -16.06
N ARG A 435 -18.06 3.69 -15.78
CA ARG A 435 -19.18 2.86 -15.28
C ARG A 435 -19.08 2.78 -13.74
N GLY A 436 -20.09 3.30 -13.04
CA GLY A 436 -20.11 3.34 -11.56
C GLY A 436 -20.81 2.12 -10.96
N TRP A 437 -20.76 1.97 -9.65
CA TRP A 437 -21.39 0.84 -8.95
C TRP A 437 -22.62 1.36 -8.25
N ASN A 438 -23.70 0.61 -8.28
CA ASN A 438 -24.97 1.01 -7.62
C ASN A 438 -25.05 0.47 -6.21
N ASP A 439 -24.20 -0.48 -5.84
CA ASP A 439 -24.25 -1.17 -4.52
C ASP A 439 -22.85 -1.12 -3.89
N TRP A 440 -22.72 -0.53 -2.70
CA TRP A 440 -21.41 -0.38 -2.03
C TRP A 440 -20.77 -1.76 -1.80
N THR A 441 -21.55 -2.82 -1.75
CA THR A 441 -21.03 -4.20 -1.52
C THR A 441 -20.34 -4.79 -2.74
N GLN A 442 -20.40 -4.12 -3.91
CA GLN A 442 -19.77 -4.60 -5.16
C GLN A 442 -18.57 -3.72 -5.56
N VAL A 443 -18.32 -2.62 -4.85
CA VAL A 443 -17.19 -1.68 -5.15
C VAL A 443 -15.86 -2.35 -4.81
N PRO A 444 -14.87 -2.37 -5.72
CA PRO A 444 -13.53 -2.84 -5.38
C PRO A 444 -12.75 -1.73 -4.65
N PHE A 445 -12.02 -2.06 -3.59
CA PHE A 445 -11.13 -1.09 -2.91
C PHE A 445 -10.07 -1.87 -2.16
N CYS A 446 -8.79 -1.51 -2.36
CA CYS A 446 -7.62 -2.11 -1.67
C CYS A 446 -7.62 -3.62 -1.87
N SER A 447 -7.98 -4.03 -3.10
CA SER A 447 -7.93 -5.44 -3.57
C SER A 447 -9.06 -6.26 -2.91
N HIS A 448 -10.04 -5.61 -2.30
CA HIS A 448 -11.18 -6.28 -1.61
C HIS A 448 -12.55 -5.80 -2.13
N HIS A 449 -13.59 -6.56 -1.77
CA HIS A 449 -14.99 -6.10 -1.67
C HIS A 449 -15.48 -6.43 -0.27
N PHE A 450 -16.67 -5.96 0.07
CA PHE A 450 -17.14 -5.95 1.48
C PHE A 450 -18.57 -6.45 1.52
N HIS A 451 -18.82 -7.37 2.46
CA HIS A 451 -20.13 -7.99 2.69
C HIS A 451 -20.74 -7.40 3.96
N GLU A 452 -22.06 -7.30 3.97
CA GLU A 452 -22.87 -7.00 5.16
C GLU A 452 -23.36 -8.33 5.74
N LEU A 453 -22.99 -8.63 6.98
CA LEU A 453 -23.23 -9.97 7.57
C LEU A 453 -23.91 -9.79 8.94
N ILE A 454 -25.11 -10.35 9.08
CA ILE A 454 -25.94 -10.13 10.30
C ILE A 454 -25.70 -11.31 11.24
N MET A 455 -25.27 -11.02 12.46
CA MET A 455 -25.07 -12.05 13.50
C MET A 455 -26.43 -12.54 14.02
N LYS A 456 -26.46 -13.77 14.52
N LYS A 456 -26.44 -13.79 14.50
CA LYS A 456 -27.69 -14.40 15.07
CA LYS A 456 -27.60 -14.45 15.16
C LYS A 456 -28.34 -13.45 16.10
C LYS A 456 -28.31 -13.45 16.07
N ASP A 457 -27.55 -12.60 16.77
CA ASP A 457 -28.10 -11.61 17.76
C ASP A 457 -28.49 -10.24 17.16
N GLY A 458 -28.51 -10.11 15.83
CA GLY A 458 -28.98 -8.89 15.15
C GLY A 458 -27.86 -7.88 14.87
N ARG A 459 -26.65 -8.03 15.42
CA ARG A 459 -25.63 -6.97 15.22
C ARG A 459 -25.04 -7.13 13.79
N VAL A 460 -24.53 -6.05 13.24
CA VAL A 460 -24.07 -6.00 11.84
C VAL A 460 -22.55 -5.94 11.76
N LEU A 461 -21.98 -6.94 11.09
CA LEU A 461 -20.56 -7.00 10.70
C LEU A 461 -20.44 -6.58 9.23
N VAL A 462 -19.52 -5.66 8.94
CA VAL A 462 -19.09 -5.34 7.56
C VAL A 462 -17.69 -5.90 7.38
N VAL A 463 -17.58 -6.96 6.58
CA VAL A 463 -16.39 -7.85 6.54
C VAL A 463 -15.68 -7.72 5.20
N PRO A 464 -14.34 -7.77 5.20
CA PRO A 464 -13.57 -7.77 3.96
C PRO A 464 -13.56 -9.13 3.30
N CYS A 465 -13.44 -9.16 1.97
CA CYS A 465 -13.51 -10.41 1.19
C CYS A 465 -12.72 -10.24 -0.11
N ARG A 466 -12.11 -11.31 -0.60
CA ARG A 466 -11.63 -11.38 -1.98
C ARG A 466 -11.64 -12.86 -2.42
N ASN A 467 -11.47 -13.09 -3.70
CA ASN A 467 -11.47 -14.46 -4.23
C ASN A 467 -10.55 -15.33 -3.36
N GLN A 468 -11.03 -16.48 -2.94
CA GLN A 468 -10.35 -17.31 -1.91
C GLN A 468 -9.10 -17.93 -2.53
N ASP A 469 -9.07 -18.11 -3.85
CA ASP A 469 -7.85 -18.66 -4.51
C ASP A 469 -6.69 -17.69 -4.26
N GLU A 470 -6.96 -16.39 -4.27
CA GLU A 470 -5.91 -15.36 -4.05
C GLU A 470 -5.41 -15.47 -2.60
N LEU A 471 -6.31 -15.65 -1.63
CA LEU A 471 -5.94 -15.72 -0.21
C LEU A 471 -5.08 -16.96 0.06
N ILE A 472 -5.52 -18.10 -0.42
CA ILE A 472 -4.78 -19.37 -0.20
C ILE A 472 -3.44 -19.33 -0.95
N GLY A 473 -3.45 -18.83 -2.18
CA GLY A 473 -2.24 -18.73 -3.02
C GLY A 473 -1.15 -17.85 -2.41
N ARG A 474 -1.50 -16.74 -1.76
CA ARG A 474 -0.54 -15.82 -1.10
C ARG A 474 0.01 -16.47 0.19
N ALA A 475 -0.82 -17.16 0.96
CA ALA A 475 -0.41 -17.78 2.24
C ALA A 475 0.56 -18.94 1.97
N ARG A 476 0.55 -19.49 0.75
CA ARG A 476 1.44 -20.61 0.36
C ARG A 476 2.81 -20.11 -0.09
N ILE A 477 3.03 -18.82 -0.07
CA ILE A 477 4.31 -18.24 -0.55
C ILE A 477 5.05 -17.59 0.63
N SER A 478 6.34 -17.90 0.75
N SER A 478 6.35 -17.88 0.76
CA SER A 478 7.32 -17.20 1.62
CA SER A 478 7.30 -17.17 1.66
C SER A 478 8.27 -16.39 0.72
C SER A 478 8.35 -16.45 0.81
N GLN A 479 8.75 -15.24 1.22
CA GLN A 479 9.75 -14.40 0.49
C GLN A 479 11.11 -14.62 1.17
N GLY A 480 12.16 -14.71 0.35
CA GLY A 480 13.55 -14.90 0.80
C GLY A 480 13.84 -16.36 1.11
N ALA A 481 15.05 -16.59 1.63
CA ALA A 481 15.65 -17.92 1.84
C ALA A 481 16.29 -17.98 3.24
N GLY A 482 16.77 -19.15 3.65
CA GLY A 482 17.38 -19.38 4.97
C GLY A 482 16.31 -19.55 6.03
N TRP A 483 15.07 -19.88 5.64
CA TRP A 483 13.97 -20.07 6.63
C TRP A 483 14.12 -21.41 7.33
N SER A 484 14.21 -21.41 8.65
CA SER A 484 14.07 -22.63 9.46
C SER A 484 12.64 -23.18 9.35
N LEU A 485 12.40 -24.43 9.81
CA LEU A 485 11.04 -25.00 9.94
C LEU A 485 10.19 -24.19 10.91
N ARG A 486 10.79 -23.78 12.03
CA ARG A 486 10.10 -22.99 13.05
C ARG A 486 9.67 -21.64 12.45
N GLU A 487 10.54 -20.97 11.72
CA GLU A 487 10.19 -19.64 11.14
C GLU A 487 9.10 -19.81 10.04
N THR A 488 9.19 -20.87 9.23
CA THR A 488 8.16 -21.20 8.22
C THR A 488 6.82 -21.45 8.93
N ALA A 489 6.82 -22.18 10.05
CA ALA A 489 5.60 -22.47 10.83
C ALA A 489 5.00 -21.17 11.38
N CYS A 490 5.84 -20.24 11.88
CA CYS A 490 5.36 -18.97 12.51
C CYS A 490 4.79 -18.01 11.43
N LEU A 491 5.34 -18.02 10.23
CA LEU A 491 4.69 -17.32 9.08
C LEU A 491 3.34 -17.97 8.74
N GLY A 492 3.25 -19.29 8.70
CA GLY A 492 1.96 -19.94 8.44
C GLY A 492 0.94 -19.51 9.48
N LYS A 493 1.34 -19.47 10.75
CA LYS A 493 0.47 -19.04 11.88
C LYS A 493 0.04 -17.59 11.71
N SER A 494 0.90 -16.68 11.27
CA SER A 494 0.51 -15.27 10.98
C SER A 494 -0.64 -15.28 9.95
N TYR A 495 -0.53 -16.02 8.85
CA TYR A 495 -1.63 -16.08 7.84
C TYR A 495 -2.91 -16.66 8.47
N ALA A 496 -2.76 -17.75 9.24
CA ALA A 496 -3.92 -18.41 9.90
C ALA A 496 -4.60 -17.41 10.83
N GLN A 497 -3.86 -16.69 11.67
CA GLN A 497 -4.50 -15.71 12.60
C GLN A 497 -5.13 -14.53 11.80
N MET A 498 -4.51 -14.11 10.69
CA MET A 498 -5.15 -13.05 9.87
C MET A 498 -6.50 -13.59 9.39
N TRP A 499 -6.54 -14.82 8.91
CA TRP A 499 -7.79 -15.41 8.37
C TRP A 499 -8.88 -15.47 9.47
N SER A 500 -8.51 -15.88 10.69
N SER A 500 -8.54 -15.88 10.70
CA SER A 500 -9.46 -15.98 11.83
CA SER A 500 -9.51 -15.99 11.81
C SER A 500 -10.05 -14.61 12.15
C SER A 500 -10.07 -14.60 12.16
N LEU A 501 -9.28 -13.54 11.96
CA LEU A 501 -9.70 -12.16 12.31
C LEU A 501 -10.48 -11.48 11.17
N MET A 502 -10.02 -11.62 9.93
CA MET A 502 -10.57 -10.84 8.80
C MET A 502 -11.54 -11.71 7.99
N TYR A 503 -11.26 -13.02 7.85
CA TYR A 503 -11.94 -13.86 6.82
C TYR A 503 -12.65 -15.05 7.50
N PHE A 504 -13.04 -14.90 8.78
CA PHE A 504 -13.70 -15.93 9.62
C PHE A 504 -15.01 -16.41 8.95
N HIS A 505 -15.56 -15.55 8.12
CA HIS A 505 -16.86 -15.73 7.40
C HIS A 505 -16.73 -16.65 6.18
N ARG A 506 -15.51 -17.04 5.80
CA ARG A 506 -15.24 -18.00 4.69
C ARG A 506 -15.03 -19.37 5.35
N ARG A 507 -15.93 -20.32 5.12
CA ARG A 507 -15.93 -21.67 5.74
C ARG A 507 -14.55 -22.31 5.60
N ASP A 508 -13.94 -22.28 4.42
CA ASP A 508 -12.67 -23.01 4.17
C ASP A 508 -11.52 -22.36 4.96
N LEU A 509 -11.51 -21.03 5.08
CA LEU A 509 -10.40 -20.32 5.76
C LEU A 509 -10.56 -20.48 7.28
N ARG A 510 -11.78 -20.52 7.82
CA ARG A 510 -11.89 -20.68 9.30
C ARG A 510 -11.37 -22.07 9.67
N LEU A 511 -11.70 -23.08 8.85
CA LEU A 511 -11.28 -24.48 9.05
C LEU A 511 -9.77 -24.58 8.86
N ALA A 512 -9.22 -24.01 7.81
CA ALA A 512 -7.76 -24.09 7.57
C ALA A 512 -6.98 -23.31 8.67
N ALA A 513 -7.49 -22.17 9.12
CA ALA A 513 -6.85 -21.33 10.16
C ALA A 513 -6.77 -22.14 11.46
N ASN A 514 -7.88 -22.79 11.81
CA ASN A 514 -7.96 -23.64 13.02
C ASN A 514 -6.98 -24.81 12.88
N ALA A 515 -6.90 -25.42 11.68
CA ALA A 515 -5.95 -26.54 11.44
C ALA A 515 -4.50 -26.04 11.58
N ILE A 516 -4.13 -24.92 10.97
CA ILE A 516 -2.73 -24.38 11.08
C ILE A 516 -2.43 -24.05 12.56
N CYS A 517 -3.34 -23.39 13.28
CA CYS A 517 -3.07 -22.99 14.68
C CYS A 517 -3.01 -24.24 15.57
N SER A 518 -3.57 -25.36 15.15
CA SER A 518 -3.52 -26.65 15.89
C SER A 518 -2.20 -27.35 15.57
N ALA A 519 -1.63 -27.11 14.39
CA ALA A 519 -0.44 -27.83 13.85
C ALA A 519 0.85 -27.15 14.29
N VAL A 520 0.80 -25.88 14.65
CA VAL A 520 1.95 -25.05 15.09
C VAL A 520 1.93 -24.94 16.62
N PRO A 521 3.10 -25.12 17.29
CA PRO A 521 3.15 -25.01 18.76
C PRO A 521 2.31 -23.82 19.23
N SER A 522 1.54 -24.01 20.30
N SER A 522 1.54 -24.01 20.30
CA SER A 522 0.63 -22.94 20.80
CA SER A 522 0.64 -22.95 20.80
C SER A 522 1.36 -21.64 21.15
C SER A 522 1.37 -21.65 21.14
N HIS A 523 2.51 -21.74 21.82
CA HIS A 523 3.23 -20.51 22.27
C HIS A 523 4.20 -19.89 21.24
N TRP A 524 4.40 -20.53 20.10
CA TRP A 524 5.30 -19.95 19.05
C TRP A 524 4.71 -18.64 18.52
N VAL A 525 5.56 -17.62 18.36
CA VAL A 525 5.04 -16.27 18.00
C VAL A 525 4.94 -16.08 16.48
N PRO A 526 3.79 -15.59 15.97
CA PRO A 526 3.66 -15.28 14.55
C PRO A 526 4.70 -14.26 14.07
N THR A 527 5.29 -14.49 12.89
CA THR A 527 6.35 -13.63 12.29
C THR A 527 5.98 -13.16 10.89
N SER A 528 6.61 -12.05 10.47
CA SER A 528 6.47 -11.40 9.14
C SER A 528 5.04 -11.56 8.62
N THR A 537 -3.78 -2.26 10.05
CA THR A 537 -3.25 -2.72 11.36
C THR A 537 -3.15 -4.25 11.37
N HIS A 538 -2.16 -4.79 12.08
CA HIS A 538 -1.82 -6.24 12.16
C HIS A 538 -2.19 -6.78 13.55
N GLU A 539 -3.50 -6.77 13.85
CA GLU A 539 -4.09 -7.21 15.15
C GLU A 539 -3.88 -8.72 15.36
N TRP A 540 -3.59 -9.46 14.28
CA TRP A 540 -3.36 -10.93 14.31
C TRP A 540 -1.92 -11.26 14.72
N MET A 541 -1.05 -10.25 14.79
CA MET A 541 0.36 -10.50 15.15
C MET A 541 0.46 -10.49 16.68
N THR A 542 0.10 -11.61 17.32
CA THR A 542 0.06 -11.72 18.80
C THR A 542 -0.06 -13.18 19.22
N THR A 543 0.26 -13.48 20.49
CA THR A 543 0.11 -14.86 21.02
C THR A 543 -1.18 -14.91 21.83
N GLU A 544 -1.91 -13.80 21.91
CA GLU A 544 -3.19 -13.73 22.64
C GLU A 544 -4.25 -14.63 21.96
N ASP A 545 -5.23 -15.07 22.73
CA ASP A 545 -6.31 -15.96 22.25
C ASP A 545 -7.07 -15.22 21.14
N MET A 546 -7.32 -15.87 20.00
CA MET A 546 -7.90 -15.16 18.81
C MET A 546 -9.37 -14.80 19.11
N LEU A 547 -10.09 -15.54 19.95
CA LEU A 547 -11.47 -15.11 20.27
C LEU A 547 -11.42 -13.78 21.04
N THR A 548 -10.45 -13.55 21.93
CA THR A 548 -10.35 -12.29 22.72
C THR A 548 -10.02 -11.12 21.77
N VAL A 549 -9.07 -11.31 20.86
CA VAL A 549 -8.73 -10.31 19.81
C VAL A 549 -9.94 -10.04 18.90
N TRP A 550 -10.67 -11.08 18.48
CA TRP A 550 -11.89 -10.89 17.65
C TRP A 550 -12.83 -9.92 18.39
N ASN A 551 -13.10 -10.19 19.67
CA ASN A 551 -14.02 -9.38 20.49
C ASN A 551 -13.51 -7.94 20.56
N ARG A 552 -12.22 -7.74 20.76
CA ARG A 552 -11.68 -6.36 20.89
C ARG A 552 -11.92 -5.61 19.55
N VAL A 553 -11.65 -6.28 18.42
CA VAL A 553 -11.61 -5.63 17.08
C VAL A 553 -13.04 -5.39 16.56
N TRP A 554 -13.93 -6.37 16.65
CA TRP A 554 -15.24 -6.37 15.95
C TRP A 554 -16.32 -5.81 16.88
N ILE A 555 -16.10 -5.81 18.21
CA ILE A 555 -17.14 -5.38 19.18
C ILE A 555 -16.61 -4.18 19.96
N GLN A 556 -15.64 -4.39 20.87
CA GLN A 556 -15.25 -3.38 21.89
C GLN A 556 -14.82 -2.07 21.21
N GLU A 557 -13.91 -2.15 20.24
CA GLU A 557 -13.25 -0.96 19.62
C GLU A 557 -13.99 -0.53 18.33
N ASN A 558 -15.09 -1.18 17.97
CA ASN A 558 -15.79 -0.95 16.66
C ASN A 558 -16.78 0.19 16.84
N PRO A 559 -16.51 1.40 16.33
CA PRO A 559 -17.43 2.51 16.53
C PRO A 559 -18.78 2.37 15.81
N TRP A 560 -18.95 1.39 14.93
CA TRP A 560 -20.26 1.17 14.27
C TRP A 560 -21.14 0.17 15.03
N MET A 561 -20.68 -0.37 16.17
CA MET A 561 -21.38 -1.41 16.99
C MET A 561 -21.82 -0.75 18.30
N GLU A 562 -23.10 -0.48 18.50
CA GLU A 562 -23.58 0.21 19.73
C GLU A 562 -23.57 -0.78 20.92
N ASP A 563 -24.07 -1.99 20.73
CA ASP A 563 -24.15 -3.04 21.79
C ASP A 563 -22.79 -3.72 21.95
N LYS A 564 -22.17 -3.62 23.13
CA LYS A 564 -20.77 -4.06 23.39
C LYS A 564 -20.78 -5.46 24.05
N THR A 565 -21.86 -6.22 23.93
CA THR A 565 -21.93 -7.57 24.57
C THR A 565 -20.89 -8.47 23.93
N PRO A 566 -19.92 -9.02 24.69
CA PRO A 566 -18.87 -9.87 24.13
C PRO A 566 -19.50 -11.14 23.53
N VAL A 567 -18.80 -11.72 22.57
CA VAL A 567 -19.12 -13.06 22.01
C VAL A 567 -18.34 -14.08 22.85
N GLU A 568 -18.99 -15.18 23.21
CA GLU A 568 -18.49 -16.18 24.19
C GLU A 568 -17.85 -17.35 23.45
N SER A 569 -18.19 -17.56 22.17
CA SER A 569 -17.61 -18.69 21.39
C SER A 569 -17.62 -18.38 19.89
N TRP A 570 -16.77 -19.10 19.16
CA TRP A 570 -16.64 -18.94 17.70
C TRP A 570 -17.98 -19.30 17.02
N GLU A 571 -18.81 -20.15 17.62
CA GLU A 571 -20.10 -20.55 16.98
C GLU A 571 -21.10 -19.38 16.95
N GLU A 572 -20.94 -18.36 17.78
CA GLU A 572 -21.77 -17.12 17.69
C GLU A 572 -21.38 -16.29 16.45
N ILE A 573 -20.23 -16.57 15.84
CA ILE A 573 -19.64 -15.71 14.77
C ILE A 573 -20.08 -16.31 13.44
N PRO A 574 -20.80 -15.55 12.60
CA PRO A 574 -21.42 -16.10 11.41
C PRO A 574 -20.50 -16.29 10.19
N TYR A 575 -20.98 -17.03 9.21
CA TYR A 575 -20.42 -17.22 7.86
C TYR A 575 -21.28 -16.46 6.82
N LEU A 576 -20.72 -16.16 5.65
CA LEU A 576 -21.48 -15.82 4.43
C LEU A 576 -22.49 -16.94 4.19
N GLY A 577 -23.56 -16.65 3.45
CA GLY A 577 -24.40 -17.71 2.88
C GLY A 577 -23.54 -18.71 2.11
N LYS A 578 -23.94 -19.98 2.10
CA LYS A 578 -23.16 -21.03 1.42
C LYS A 578 -23.01 -20.69 -0.06
N ARG A 579 -24.03 -20.14 -0.71
CA ARG A 579 -23.92 -19.84 -2.16
C ARG A 579 -22.97 -18.64 -2.34
N GLU A 580 -23.10 -17.60 -1.53
CA GLU A 580 -22.15 -16.45 -1.55
C GLU A 580 -20.71 -16.93 -1.33
N ASP A 581 -20.51 -17.91 -0.45
CA ASP A 581 -19.16 -18.44 -0.12
C ASP A 581 -18.58 -19.09 -1.36
N GLN A 582 -19.42 -19.85 -2.07
CA GLN A 582 -19.01 -20.52 -3.33
C GLN A 582 -18.71 -19.46 -4.40
N TRP A 583 -19.58 -18.46 -4.55
CA TRP A 583 -19.34 -17.33 -5.50
C TRP A 583 -17.96 -16.71 -5.25
N CYS A 584 -17.55 -16.59 -3.98
CA CYS A 584 -16.25 -15.95 -3.65
C CYS A 584 -15.14 -17.00 -3.56
N GLY A 585 -15.37 -18.19 -4.13
CA GLY A 585 -14.34 -19.18 -4.45
C GLY A 585 -14.27 -20.36 -3.49
N SER A 586 -15.18 -20.51 -2.53
CA SER A 586 -15.18 -21.68 -1.60
C SER A 586 -15.22 -23.00 -2.39
N LEU A 587 -14.58 -24.05 -1.85
CA LEU A 587 -14.70 -25.43 -2.37
C LEU A 587 -15.80 -26.19 -1.64
N ILE A 588 -16.59 -25.55 -0.76
CA ILE A 588 -17.66 -26.27 -0.02
C ILE A 588 -18.57 -26.94 -1.08
N GLY A 589 -18.92 -28.21 -0.90
CA GLY A 589 -19.73 -28.97 -1.87
C GLY A 589 -18.90 -29.91 -2.72
N LEU A 590 -17.58 -29.72 -2.85
CA LEU A 590 -16.70 -30.66 -3.58
C LEU A 590 -16.29 -31.83 -2.66
N THR A 591 -16.12 -32.99 -3.30
CA THR A 591 -15.60 -34.26 -2.72
C THR A 591 -14.19 -34.05 -2.15
N SER A 592 -13.28 -33.41 -2.87
CA SER A 592 -11.92 -33.09 -2.35
C SER A 592 -12.01 -32.35 -0.99
N ARG A 593 -12.92 -31.38 -0.86
CA ARG A 593 -13.01 -30.50 0.32
C ARG A 593 -13.64 -31.28 1.48
N ALA A 594 -14.66 -32.11 1.21
CA ALA A 594 -15.32 -32.96 2.21
C ALA A 594 -14.28 -33.95 2.81
N THR A 595 -13.41 -34.53 1.99
CA THR A 595 -12.43 -35.51 2.51
C THR A 595 -11.39 -34.78 3.36
N TRP A 596 -10.93 -33.64 2.88
CA TRP A 596 -10.01 -32.76 3.63
C TRP A 596 -10.62 -32.44 5.01
N ALA A 597 -11.83 -31.89 5.06
CA ALA A 597 -12.46 -31.48 6.35
C ALA A 597 -12.59 -32.68 7.30
N LYS A 598 -13.19 -33.76 6.82
CA LYS A 598 -13.44 -34.99 7.62
C LYS A 598 -12.10 -35.50 8.19
N ASN A 599 -11.03 -35.52 7.40
CA ASN A 599 -9.73 -36.14 7.79
C ASN A 599 -8.72 -35.11 8.32
N ILE A 600 -9.17 -33.96 8.81
CA ILE A 600 -8.24 -32.80 9.05
C ILE A 600 -7.22 -33.14 10.15
N GLN A 601 -7.63 -33.92 11.17
N GLN A 601 -7.62 -33.93 11.17
CA GLN A 601 -6.75 -34.33 12.30
CA GLN A 601 -6.75 -34.31 12.30
C GLN A 601 -5.54 -35.11 11.75
C GLN A 601 -5.54 -35.14 11.78
N THR A 602 -5.71 -35.88 10.68
CA THR A 602 -4.59 -36.60 10.03
C THR A 602 -3.58 -35.64 9.37
N ALA A 603 -4.03 -34.54 8.79
CA ALA A 603 -3.15 -33.53 8.20
C ALA A 603 -2.45 -32.79 9.33
N ILE A 604 -3.21 -32.42 10.36
CA ILE A 604 -2.64 -31.72 11.53
C ILE A 604 -1.54 -32.61 12.14
N ASN A 605 -1.78 -33.91 12.26
CA ASN A 605 -0.81 -34.87 12.89
C ASN A 605 0.42 -35.00 11.96
N GLN A 606 0.27 -34.89 10.64
CA GLN A 606 1.44 -34.97 9.72
C GLN A 606 2.41 -33.82 10.02
N VAL A 607 1.87 -32.60 10.15
CA VAL A 607 2.69 -31.39 10.36
C VAL A 607 3.27 -31.46 11.80
N ARG A 608 2.48 -31.89 12.78
CA ARG A 608 3.00 -32.00 14.17
C ARG A 608 4.19 -32.97 14.20
N SER A 609 4.10 -34.09 13.49
CA SER A 609 5.20 -35.07 13.42
C SER A 609 6.45 -34.47 12.80
N LEU A 610 6.32 -33.57 11.83
CA LEU A 610 7.49 -32.98 11.12
C LEU A 610 8.19 -32.00 12.06
N ILE A 611 7.41 -31.17 12.76
CA ILE A 611 7.91 -30.11 13.68
C ILE A 611 8.50 -30.77 14.95
N GLY A 612 7.82 -31.81 15.47
CA GLY A 612 8.34 -32.70 16.53
C GLY A 612 7.55 -32.60 17.83
N ASN A 613 8.15 -33.03 18.93
CA ASN A 613 7.47 -33.16 20.24
C ASN A 613 7.43 -31.80 20.95
N GLU A 614 6.37 -31.04 20.72
CA GLU A 614 6.21 -29.64 21.16
C GLU A 614 4.88 -29.61 21.90
N GLU A 615 4.51 -28.48 22.49
CA GLU A 615 3.16 -28.31 23.11
C GLU A 615 2.23 -27.72 22.05
N TYR A 616 1.15 -28.44 21.76
CA TYR A 616 0.11 -28.14 20.74
C TYR A 616 -1.24 -28.03 21.43
N THR A 617 -2.13 -27.19 20.89
CA THR A 617 -3.56 -27.08 21.27
C THR A 617 -4.42 -27.57 20.10
N ASP A 618 -5.52 -28.28 20.39
CA ASP A 618 -6.53 -28.65 19.36
C ASP A 618 -7.57 -27.54 19.30
N TYR A 619 -7.56 -26.71 18.24
CA TYR A 619 -8.61 -25.67 18.05
C TYR A 619 -9.79 -26.19 17.23
N MET A 620 -9.77 -27.41 16.70
CA MET A 620 -10.87 -27.89 15.82
C MET A 620 -12.26 -27.93 16.51
N PRO A 621 -12.38 -28.37 17.79
CA PRO A 621 -13.66 -28.35 18.51
C PRO A 621 -14.29 -26.97 18.73
N SER A 622 -13.56 -25.89 18.41
CA SER A 622 -14.10 -24.49 18.34
C SER A 622 -15.18 -24.42 17.26
N MET A 623 -15.22 -25.41 16.35
CA MET A 623 -16.21 -25.50 15.25
C MET A 623 -17.22 -26.61 15.58
N LYS A 624 -18.51 -26.40 15.29
CA LYS A 624 -19.60 -27.33 15.66
C LYS A 624 -19.30 -28.75 15.19
N ARG A 625 -18.86 -28.93 13.94
CA ARG A 625 -18.76 -30.26 13.27
C ARG A 625 -17.72 -31.15 13.97
N PHE A 626 -16.73 -30.57 14.64
CA PHE A 626 -15.67 -31.30 15.40
C PHE A 626 -15.98 -31.30 16.89
N ARG A 627 -17.02 -30.57 17.31
CA ARG A 627 -17.46 -30.49 18.73
C ARG A 627 -18.39 -31.68 19.00
N ARG A 628 -17.87 -32.92 18.93
CA ARG A 628 -18.59 -34.19 19.30
C ARG A 628 -20.01 -34.23 18.71
#